data_8XM4
#
_entry.id   8XM4
#
_cell.length_a   65.409
_cell.length_b   76.059
_cell.length_c   119.046
_cell.angle_alpha   90.00
_cell.angle_beta   90.00
_cell.angle_gamma   90.00
#
_symmetry.space_group_name_H-M   'P 21 21 21'
#
loop_
_entity.id
_entity.type
_entity.pdbx_description
1 polymer 'Methionine--tRNA ligase'
2 non-polymer "ADENOSINE-5'-TRIPHOSPHATE"
3 non-polymer 1-[6-[azanylidene-[[azanylidene-[[(4-chlorophenyl)amino]methyl]-$l^{4}-azanyl]methyl]-$l^{4}-azanyl]hexyl]-3-[~{N}-(4-chlorophenyl)carbamimidoyl]guanidine
4 non-polymer 1,2-ETHANEDIOL
5 water water
#
_entity_poly.entity_id   1
_entity_poly.type   'polypeptide(L)'
_entity_poly.pdbx_seq_one_letter_code
;MGSSHHHHHHSAKETFYITTPIYYPSGNLHIGHAYSTVAGDVIARYKRMQGYDVRYLTGTDEHGQKIQEKAQKAGKTEIE
YLDEMIAGIKQLWAKLEISNDDFIRTTEERHKHVVEQVFERLLKQGDIYLGEYEGWYSVPDETYYTESQLVDPQYENGKI
IGGKSPDSGHEVELVKEESYFFNISKYTDRLLEFYDQNPDFIQPPSRKNEMINNFIKPGLADLAVSRTSFNWGVHVPSNP
KHVVYVWIDALVNYISALGYLSDDESLFNKYWPADIHLMAKEIVRFHSIIWPILLMALDLPLPKKVFAHGWILMKDGKMS
KSKGNVVDPNILIDRYGLDATRYYLMRELPFGSDGVFTPEAFVERTNFDLANDLGNLVNRTISMVNKYFDGELPAYQGPL
HELDEEMEAMALETVKSYTESMESLQFSVALSTVWKFISRTNKYIDETTPWVLAKDDSQKDMLGNVMAHLVENIRYAAVL
LRPFLTHAPKEIFEQLNINNPQFMEFSSLEQYGVLNESIMVTGQPKPIFP
;
_entity_poly.pdbx_strand_id   A
#
loop_
_chem_comp.id
_chem_comp.type
_chem_comp.name
_chem_comp.formula
ATP non-polymer ADENOSINE-5'-TRIPHOSPHATE 'C10 H16 N5 O13 P3'
EDO non-polymer 1,2-ETHANEDIOL 'C2 H6 O2'
XC9 non-polymer 1-[6-[azanylidene-[[azanylidene-[[(4-chlorophenyl)amino]methyl]-$l^{4}-azanyl]methyl]-$l^{4}-azanyl]hexyl]-3-[~{N}-(4-chlorophenyl)carbamimidoyl]guanidine 'C22 H30 Cl2 N10'
#
# COMPACT_ATOMS: atom_id res chain seq x y z
N ALA A 12 1.15 -15.47 -22.64
CA ALA A 12 1.45 -15.45 -21.16
C ALA A 12 0.66 -14.35 -20.44
N LYS A 13 0.53 -14.50 -19.12
CA LYS A 13 -0.09 -13.47 -18.29
C LYS A 13 0.73 -12.18 -18.36
N GLU A 14 0.04 -11.04 -18.44
CA GLU A 14 0.73 -9.74 -18.40
C GLU A 14 1.28 -9.51 -17.00
N THR A 15 2.47 -8.92 -16.92
CA THR A 15 3.12 -8.67 -15.63
C THR A 15 2.56 -7.40 -14.98
N PHE A 16 2.56 -7.38 -13.65
CA PHE A 16 2.19 -6.20 -12.89
C PHE A 16 3.11 -6.12 -11.70
N TYR A 17 3.88 -5.04 -11.61
CA TYR A 17 4.86 -4.84 -10.55
C TYR A 17 4.47 -3.65 -9.70
N ILE A 18 4.30 -3.87 -8.40
CA ILE A 18 3.91 -2.82 -7.44
C ILE A 18 4.83 -2.82 -6.24
N THR A 19 5.19 -1.63 -5.76
CA THR A 19 6.11 -1.48 -4.65
C THR A 19 5.53 -0.58 -3.58
N THR A 20 5.91 -0.83 -2.32
CA THR A 20 5.75 0.16 -1.25
C THR A 20 7.07 0.90 -1.13
N PRO A 21 7.11 1.99 -0.35
CA PRO A 21 8.41 2.53 0.01
C PRO A 21 9.13 1.56 0.92
N ILE A 22 10.44 1.67 0.96
CA ILE A 22 11.22 0.91 1.95
C ILE A 22 11.23 1.77 3.21
N TYR A 23 10.82 1.17 4.31
CA TYR A 23 10.61 1.90 5.57
C TYR A 23 11.89 2.01 6.39
N TYR A 24 12.00 3.08 7.18
CA TYR A 24 13.23 3.41 7.90
C TYR A 24 13.10 2.96 9.35
N PRO A 25 13.83 1.89 9.75
CA PRO A 25 13.57 1.28 11.06
C PRO A 25 14.27 1.99 12.23
N SER A 26 14.08 3.30 12.34
CA SER A 26 14.61 4.10 13.45
C SER A 26 13.68 4.01 14.67
N GLY A 27 12.51 3.45 14.44
CA GLY A 27 11.57 3.09 15.50
C GLY A 27 10.59 2.06 14.96
N ASN A 28 9.66 1.62 15.80
CA ASN A 28 8.66 0.63 15.39
C ASN A 28 7.72 1.22 14.34
N LEU A 29 7.25 0.38 13.43
CA LEU A 29 6.26 0.82 12.45
C LEU A 29 4.90 0.96 13.13
N HIS A 30 4.05 1.81 12.55
CA HIS A 30 2.75 2.14 13.09
C HIS A 30 1.68 1.96 12.00
N ILE A 31 0.44 2.30 12.28
CA ILE A 31 -0.65 2.06 11.31
C ILE A 31 -0.53 2.84 9.99
N GLY A 32 0.22 3.93 9.98
CA GLY A 32 0.63 4.62 8.74
C GLY A 32 1.37 3.71 7.76
N HIS A 33 2.36 3.00 8.28
CA HIS A 33 3.09 2.00 7.52
C HIS A 33 2.19 0.83 7.12
N ALA A 34 1.33 0.39 8.03
CA ALA A 34 0.39 -0.69 7.73
C ALA A 34 -0.59 -0.29 6.62
N TYR A 35 -1.01 0.98 6.62
CA TYR A 35 -1.92 1.53 5.61
C TYR A 35 -1.33 1.37 4.20
N SER A 36 -0.10 1.82 3.99
CA SER A 36 0.57 1.66 2.70
C SER A 36 0.71 0.21 2.29
N THR A 37 1.15 -0.63 3.22
CA THR A 37 1.44 -2.03 2.92
C THR A 37 0.17 -2.84 2.68
N VAL A 38 -0.89 -2.56 3.44
CA VAL A 38 -2.19 -3.19 3.16
C VAL A 38 -2.75 -2.70 1.80
N ALA A 39 -2.65 -1.40 1.53
CA ALA A 39 -3.06 -0.83 0.25
C ALA A 39 -2.39 -1.54 -0.92
N GLY A 40 -1.05 -1.69 -0.84
CA GLY A 40 -0.31 -2.38 -1.88
C GLY A 40 -0.72 -3.83 -1.99
N ASP A 41 -1.02 -4.45 -0.85
CA ASP A 41 -1.49 -5.83 -0.82
C ASP A 41 -2.85 -6.02 -1.51
N VAL A 42 -3.78 -5.09 -1.27
CA VAL A 42 -5.10 -5.14 -1.93
C VAL A 42 -4.92 -5.01 -3.46
N ILE A 43 -4.07 -4.10 -3.90
CA ILE A 43 -3.79 -3.95 -5.34
C ILE A 43 -3.23 -5.26 -5.88
N ALA A 44 -2.22 -5.80 -5.20
CA ALA A 44 -1.59 -7.05 -5.63
C ALA A 44 -2.59 -8.21 -5.72
N ARG A 45 -3.40 -8.38 -4.68
CA ARG A 45 -4.39 -9.45 -4.62
C ARG A 45 -5.44 -9.28 -5.72
N TYR A 46 -5.87 -8.04 -5.95
CA TYR A 46 -6.84 -7.74 -6.99
C TYR A 46 -6.28 -8.07 -8.37
N LYS A 47 -5.06 -7.63 -8.62
CA LYS A 47 -4.43 -7.90 -9.91
C LYS A 47 -4.20 -9.41 -10.15
N ARG A 48 -3.86 -10.17 -9.10
CA ARG A 48 -3.73 -11.63 -9.24
C ARG A 48 -5.07 -12.25 -9.62
N MET A 49 -6.14 -11.79 -8.97
CA MET A 49 -7.50 -12.24 -9.31
C MET A 49 -7.96 -11.84 -10.74
N GLN A 50 -7.44 -10.73 -11.25
N GLN A 50 -7.44 -10.71 -11.24
CA GLN A 50 -7.68 -10.31 -12.64
CA GLN A 50 -7.67 -10.29 -12.63
C GLN A 50 -6.77 -10.99 -13.66
C GLN A 50 -6.86 -11.09 -13.67
N GLY A 51 -5.93 -11.92 -13.21
CA GLY A 51 -5.13 -12.78 -14.07
C GLY A 51 -3.77 -12.26 -14.46
N TYR A 52 -3.27 -11.27 -13.70
CA TYR A 52 -1.92 -10.74 -13.92
C TYR A 52 -0.87 -11.60 -13.20
N ASP A 53 0.34 -11.56 -13.74
CA ASP A 53 1.51 -12.16 -13.13
C ASP A 53 2.13 -11.04 -12.27
N VAL A 54 1.86 -11.11 -10.97
CA VAL A 54 2.11 -10.01 -10.04
C VAL A 54 3.41 -10.21 -9.29
N ARG A 55 4.17 -9.13 -9.14
CA ARG A 55 5.22 -9.07 -8.14
C ARG A 55 4.97 -7.88 -7.24
N TYR A 56 4.98 -8.10 -5.93
CA TYR A 56 4.76 -7.07 -4.91
C TYR A 56 5.94 -7.02 -3.96
N LEU A 57 6.64 -5.88 -3.97
CA LEU A 57 7.84 -5.65 -3.16
C LEU A 57 7.60 -4.68 -2.01
N THR A 58 8.22 -4.98 -0.88
CA THR A 58 8.36 -4.04 0.23
C THR A 58 9.74 -4.28 0.82
N GLY A 59 10.12 -3.48 1.81
CA GLY A 59 11.37 -3.68 2.47
C GLY A 59 11.76 -2.58 3.41
N THR A 60 13.08 -2.50 3.65
CA THR A 60 13.65 -1.60 4.65
C THR A 60 14.92 -0.87 4.19
N ASP A 61 14.97 0.40 4.60
CA ASP A 61 16.01 1.38 4.29
C ASP A 61 16.85 1.47 5.55
N GLU A 62 18.05 0.90 5.54
CA GLU A 62 18.78 0.58 6.78
C GLU A 62 20.05 1.36 7.09
N HIS A 63 20.48 2.23 6.17
CA HIS A 63 21.73 2.99 6.34
C HIS A 63 21.48 4.37 6.92
N GLY A 64 22.58 5.05 7.26
CA GLY A 64 22.51 6.44 7.72
C GLY A 64 22.80 6.63 9.20
N GLN A 65 23.06 7.88 9.54
CA GLN A 65 23.42 8.30 10.89
C GLN A 65 22.40 7.93 11.94
N LYS A 66 21.12 8.13 11.62
CA LYS A 66 20.07 7.90 12.61
C LYS A 66 20.04 6.44 13.07
N ILE A 67 20.19 5.50 12.14
CA ILE A 67 20.25 4.09 12.49
C ILE A 67 21.46 3.77 13.36
N GLN A 68 22.62 4.29 12.99
CA GLN A 68 23.83 4.07 13.76
C GLN A 68 23.65 4.58 15.19
N GLU A 69 23.07 5.78 15.31
CA GLU A 69 22.79 6.37 16.63
C GLU A 69 21.87 5.50 17.47
N LYS A 70 20.80 5.00 16.85
CA LYS A 70 19.84 4.15 17.54
C LYS A 70 20.47 2.86 18.05
N ALA A 71 21.28 2.25 17.19
CA ALA A 71 21.98 1.04 17.53
C ALA A 71 22.95 1.29 18.69
N GLN A 72 23.78 2.32 18.57
CA GLN A 72 24.73 2.66 19.62
C GLN A 72 24.03 2.96 20.97
N LYS A 73 22.92 3.71 20.92
CA LYS A 73 22.14 3.99 22.14
C LYS A 73 21.63 2.71 22.82
N ALA A 74 21.24 1.73 22.00
CA ALA A 74 20.76 0.44 22.49
C ALA A 74 21.86 -0.54 22.95
N GLY A 75 23.13 -0.16 22.82
CA GLY A 75 24.24 -1.04 23.17
C GLY A 75 24.41 -2.22 22.22
N LYS A 76 24.01 -2.02 20.96
CA LYS A 76 24.03 -3.06 19.94
C LYS A 76 24.82 -2.61 18.73
N THR A 77 25.33 -3.57 17.96
CA THR A 77 25.94 -3.26 16.67
C THR A 77 24.83 -2.83 15.72
N GLU A 78 25.22 -2.19 14.64
CA GLU A 78 24.25 -1.72 13.66
C GLU A 78 23.43 -2.89 13.13
N ILE A 79 24.12 -3.95 12.73
CA ILE A 79 23.41 -5.10 12.15
C ILE A 79 22.57 -5.89 13.19
N GLU A 80 23.04 -5.94 14.43
N GLU A 80 23.04 -5.94 14.43
CA GLU A 80 22.30 -6.53 15.56
CA GLU A 80 22.25 -6.55 15.52
C GLU A 80 20.96 -5.82 15.78
C GLU A 80 20.94 -5.81 15.76
N TYR A 81 21.03 -4.49 15.84
CA TYR A 81 19.86 -3.63 15.97
C TYR A 81 18.89 -3.84 14.80
N LEU A 82 19.44 -3.77 13.59
CA LEU A 82 18.61 -3.90 12.37
C LEU A 82 17.95 -5.27 12.24
N ASP A 83 18.70 -6.33 12.50
CA ASP A 83 18.15 -7.68 12.41
C ASP A 83 16.95 -7.84 13.32
N GLU A 84 17.02 -7.26 14.53
CA GLU A 84 15.90 -7.30 15.46
C GLU A 84 14.72 -6.50 14.96
N MET A 85 14.98 -5.28 14.48
CA MET A 85 13.91 -4.42 13.94
C MET A 85 13.21 -5.09 12.76
N ILE A 86 14.03 -5.65 11.87
CA ILE A 86 13.51 -6.30 10.65
C ILE A 86 12.70 -7.55 10.98
N ALA A 87 13.15 -8.33 11.97
CA ALA A 87 12.38 -9.50 12.40
C ALA A 87 10.97 -9.08 12.82
N GLY A 88 10.87 -7.99 13.58
CA GLY A 88 9.59 -7.44 14.01
C GLY A 88 8.73 -6.92 12.85
N ILE A 89 9.37 -6.30 11.86
CA ILE A 89 8.64 -5.81 10.68
C ILE A 89 8.09 -6.98 9.86
N LYS A 90 8.93 -7.98 9.63
CA LYS A 90 8.49 -9.18 8.90
C LYS A 90 7.38 -9.93 9.63
N GLN A 91 7.47 -9.99 10.96
CA GLN A 91 6.41 -10.58 11.78
C GLN A 91 5.11 -9.80 11.61
N LEU A 92 5.19 -8.48 11.58
CA LEU A 92 4.02 -7.65 11.36
C LEU A 92 3.36 -7.93 10.00
N TRP A 93 4.16 -7.97 8.93
CA TRP A 93 3.61 -8.28 7.60
C TRP A 93 3.00 -9.69 7.53
N ALA A 94 3.63 -10.66 8.19
CA ALA A 94 3.05 -12.00 8.28
C ALA A 94 1.70 -11.98 9.03
N LYS A 95 1.63 -11.21 10.10
CA LYS A 95 0.40 -11.09 10.88
C LYS A 95 -0.72 -10.38 10.13
N LEU A 96 -0.35 -9.42 9.30
CA LEU A 96 -1.29 -8.76 8.38
C LEU A 96 -1.61 -9.54 7.12
N GLU A 97 -0.96 -10.70 6.94
CA GLU A 97 -1.11 -11.57 5.77
C GLU A 97 -0.88 -10.79 4.47
N ILE A 98 0.22 -10.03 4.47
CA ILE A 98 0.68 -9.33 3.28
C ILE A 98 1.26 -10.36 2.30
N SER A 99 0.87 -10.24 1.04
CA SER A 99 1.28 -11.15 -0.03
C SER A 99 2.51 -10.66 -0.80
N ASN A 100 3.42 -9.98 -0.10
CA ASN A 100 4.66 -9.52 -0.73
C ASN A 100 5.49 -10.72 -1.19
N ASP A 101 6.05 -10.60 -2.38
CA ASP A 101 6.84 -11.65 -2.98
C ASP A 101 8.32 -11.62 -2.60
N ASP A 102 8.73 -10.50 -2.01
CA ASP A 102 10.10 -10.29 -1.59
C ASP A 102 10.17 -9.14 -0.60
N PHE A 103 11.23 -9.15 0.20
CA PHE A 103 11.48 -8.17 1.20
C PHE A 103 12.95 -7.75 0.97
N ILE A 104 13.13 -6.54 0.51
CA ILE A 104 14.46 -6.01 0.21
C ILE A 104 15.03 -5.25 1.40
N ARG A 105 16.24 -5.60 1.80
CA ARG A 105 16.99 -4.88 2.84
C ARG A 105 18.19 -4.21 2.20
N THR A 106 18.40 -2.93 2.48
CA THR A 106 19.53 -2.24 1.82
C THR A 106 20.92 -2.68 2.33
N THR A 107 20.96 -3.43 3.45
CA THR A 107 22.17 -4.11 3.92
C THR A 107 22.54 -5.38 3.15
N GLU A 108 21.63 -5.93 2.36
CA GLU A 108 21.91 -7.14 1.57
C GLU A 108 22.88 -6.86 0.43
N GLU A 109 23.80 -7.80 0.17
CA GLU A 109 24.80 -7.58 -0.88
C GLU A 109 24.14 -7.38 -2.24
N ARG A 110 23.03 -8.07 -2.51
CA ARG A 110 22.32 -7.88 -3.78
C ARG A 110 21.93 -6.42 -4.03
N HIS A 111 21.65 -5.69 -2.95
CA HIS A 111 21.36 -4.29 -3.02
C HIS A 111 22.63 -3.45 -3.10
N LYS A 112 23.55 -3.68 -2.16
CA LYS A 112 24.77 -2.89 -2.11
C LYS A 112 25.55 -2.96 -3.42
N HIS A 113 25.55 -4.12 -4.04
CA HIS A 113 26.25 -4.28 -5.34
C HIS A 113 25.70 -3.29 -6.39
N VAL A 114 24.37 -3.16 -6.44
CA VAL A 114 23.73 -2.24 -7.37
C VAL A 114 24.03 -0.79 -7.05
N VAL A 115 23.99 -0.43 -5.77
CA VAL A 115 24.29 0.92 -5.35
C VAL A 115 25.72 1.27 -5.79
N GLU A 116 26.66 0.37 -5.55
CA GLU A 116 28.06 0.54 -5.96
C GLU A 116 28.18 0.73 -7.48
N GLN A 117 27.54 -0.16 -8.22
CA GLN A 117 27.68 -0.17 -9.70
C GLN A 117 27.01 1.03 -10.35
N VAL A 118 25.84 1.40 -9.85
CA VAL A 118 25.14 2.61 -10.30
C VAL A 118 25.98 3.85 -10.05
N PHE A 119 26.48 3.99 -8.83
CA PHE A 119 27.30 5.14 -8.49
C PHE A 119 28.54 5.22 -9.40
N GLU A 120 29.24 4.11 -9.55
CA GLU A 120 30.46 4.06 -10.36
C GLU A 120 30.18 4.36 -11.84
N ARG A 121 29.04 3.90 -12.34
CA ARG A 121 28.62 4.18 -13.72
C ARG A 121 28.39 5.67 -13.93
N LEU A 122 27.70 6.31 -12.99
CA LEU A 122 27.42 7.73 -13.11
C LEU A 122 28.71 8.57 -13.00
N LEU A 123 29.63 8.12 -12.15
CA LEU A 123 30.96 8.75 -12.05
C LEU A 123 31.73 8.63 -13.35
N LYS A 124 31.77 7.42 -13.90
CA LYS A 124 32.45 7.16 -15.19
C LYS A 124 31.88 8.00 -16.33
N GLN A 125 30.55 8.10 -16.38
CA GLN A 125 29.85 8.90 -17.42
C GLN A 125 30.09 10.39 -17.27
N GLY A 126 30.35 10.83 -16.04
CA GLY A 126 30.48 12.24 -15.72
C GLY A 126 29.22 12.90 -15.22
N ASP A 127 28.17 12.11 -14.93
CA ASP A 127 26.94 12.63 -14.32
C ASP A 127 27.19 13.08 -12.88
N ILE A 128 28.13 12.42 -12.22
CA ILE A 128 28.53 12.74 -10.85
C ILE A 128 29.94 13.32 -10.81
N TYR A 129 30.14 14.35 -10.00
CA TYR A 129 31.46 14.93 -9.80
C TYR A 129 31.63 15.39 -8.37
N LEU A 130 32.90 15.51 -7.96
CA LEU A 130 33.26 15.80 -6.59
C LEU A 130 33.12 17.29 -6.29
N GLY A 131 32.51 17.59 -5.14
CA GLY A 131 32.34 18.95 -4.65
C GLY A 131 32.32 19.02 -3.13
N GLU A 132 31.72 20.09 -2.61
CA GLU A 132 31.47 20.26 -1.17
C GLU A 132 29.99 20.53 -0.92
N TYR A 133 29.37 19.69 -0.11
CA TYR A 133 28.01 19.91 0.36
C TYR A 133 28.03 21.00 1.43
N GLU A 134 27.09 21.92 1.35
CA GLU A 134 26.82 22.90 2.43
C GLU A 134 25.35 22.83 2.77
N GLY A 135 25.06 22.73 4.07
CA GLY A 135 23.68 22.71 4.56
C GLY A 135 23.59 23.43 5.89
N TRP A 136 22.35 23.65 6.32
CA TRP A 136 22.06 24.28 7.60
C TRP A 136 21.24 23.34 8.45
N TYR A 137 21.88 22.78 9.49
CA TYR A 137 21.28 21.73 10.31
C TYR A 137 20.54 22.29 11.51
N SER A 138 19.34 21.76 11.73
CA SER A 138 18.55 22.02 12.94
C SER A 138 18.44 20.74 13.76
N VAL A 139 18.88 20.80 15.02
CA VAL A 139 18.91 19.63 15.92
C VAL A 139 17.51 19.00 16.14
N PRO A 140 16.52 19.79 16.63
CA PRO A 140 15.20 19.19 16.93
C PRO A 140 14.42 18.75 15.69
N ASP A 141 14.58 19.47 14.59
CA ASP A 141 13.94 19.11 13.31
C ASP A 141 14.59 17.90 12.63
N GLU A 142 15.84 17.59 12.99
CA GLU A 142 16.66 16.55 12.33
C GLU A 142 16.62 16.71 10.81
N THR A 143 16.76 17.97 10.38
CA THR A 143 16.63 18.35 8.98
C THR A 143 17.76 19.31 8.62
N TYR A 144 18.23 19.18 7.38
CA TYR A 144 19.15 20.11 6.77
C TYR A 144 18.37 21.02 5.80
N TYR A 145 18.51 22.32 5.99
CA TYR A 145 17.84 23.32 5.14
C TYR A 145 18.82 24.02 4.22
N THR A 146 18.31 24.53 3.11
CA THR A 146 19.07 25.44 2.25
C THR A 146 19.00 26.83 2.88
N GLU A 147 19.91 27.70 2.46
CA GLU A 147 19.96 29.07 2.99
C GLU A 147 18.69 29.89 2.72
N SER A 148 18.07 29.65 1.56
CA SER A 148 16.81 30.34 1.17
C SER A 148 15.59 29.94 2.00
N GLN A 149 15.65 28.77 2.64
CA GLN A 149 14.59 28.31 3.54
C GLN A 149 14.62 28.92 4.95
N LEU A 150 15.76 29.46 5.28
CA LEU A 150 15.92 30.01 6.58
C LEU A 150 15.10 31.24 6.76
N VAL A 151 14.56 31.31 7.96
CA VAL A 151 13.75 32.40 8.47
C VAL A 151 14.69 33.25 9.29
N ASP A 152 14.51 34.56 9.29
CA ASP A 152 15.37 35.48 10.05
C ASP A 152 16.86 35.38 9.71
N PRO A 153 17.17 35.39 8.43
CA PRO A 153 18.53 35.23 7.96
C PRO A 153 19.45 36.32 8.41
N GLN A 154 20.57 35.94 8.96
CA GLN A 154 21.63 36.85 9.39
C GLN A 154 22.65 36.97 8.28
N TYR A 155 23.03 38.20 7.94
CA TYR A 155 23.94 38.47 6.81
C TYR A 155 25.29 39.03 7.26
N GLU A 156 26.29 38.86 6.39
CA GLU A 156 27.61 39.45 6.57
C GLU A 156 28.31 39.56 5.21
N ASN A 157 28.64 40.78 4.81
CA ASN A 157 29.26 41.07 3.51
C ASN A 157 28.45 40.55 2.31
N GLY A 158 27.12 40.60 2.43
CA GLY A 158 26.20 40.13 1.38
C GLY A 158 26.18 38.63 1.19
N LYS A 159 26.13 37.90 2.31
CA LYS A 159 26.12 36.43 2.30
C LYS A 159 25.52 35.91 3.60
N ILE A 160 24.64 34.91 3.49
CA ILE A 160 23.92 34.37 4.64
C ILE A 160 24.88 33.56 5.51
N ILE A 161 24.96 33.93 6.80
CA ILE A 161 25.88 33.35 7.78
C ILE A 161 25.16 32.57 8.90
N GLY A 162 23.84 32.71 8.98
CA GLY A 162 23.06 32.10 10.04
C GLY A 162 21.58 32.27 9.82
N GLY A 163 20.80 31.68 10.72
CA GLY A 163 19.35 31.79 10.66
C GLY A 163 18.63 30.87 11.63
N LYS A 164 17.34 30.69 11.36
CA LYS A 164 16.47 29.84 12.19
C LYS A 164 15.66 28.92 11.28
N SER A 165 15.22 27.80 11.84
CA SER A 165 14.44 26.82 11.09
C SER A 165 13.04 27.36 10.76
N PRO A 166 12.55 27.18 9.51
CA PRO A 166 11.19 27.63 9.19
C PRO A 166 10.09 26.79 9.86
N ASP A 167 10.40 25.53 10.21
CA ASP A 167 9.44 24.63 10.85
C ASP A 167 9.29 24.90 12.34
N SER A 168 10.40 24.76 13.08
CA SER A 168 10.39 24.90 14.56
C SER A 168 10.83 26.27 15.07
N GLY A 169 11.74 26.92 14.36
CA GLY A 169 12.35 28.19 14.81
C GLY A 169 13.66 28.02 15.57
N HIS A 170 14.21 26.81 15.60
CA HIS A 170 15.48 26.54 16.30
C HIS A 170 16.66 27.08 15.49
N GLU A 171 17.72 27.48 16.21
CA GLU A 171 18.93 28.06 15.61
C GLU A 171 19.67 26.99 14.81
N VAL A 172 19.82 27.21 13.50
CA VAL A 172 20.55 26.27 12.64
C VAL A 172 22.06 26.42 12.76
N GLU A 173 22.78 25.38 12.34
CA GLU A 173 24.24 25.38 12.33
C GLU A 173 24.78 24.97 10.96
N LEU A 174 25.80 25.68 10.50
CA LEU A 174 26.38 25.47 9.19
C LEU A 174 27.17 24.18 9.16
N VAL A 175 26.90 23.32 8.18
CA VAL A 175 27.63 22.08 8.00
C VAL A 175 28.20 22.02 6.58
N LYS A 176 29.49 21.69 6.49
CA LYS A 176 30.19 21.54 5.21
C LYS A 176 30.94 20.23 5.23
N GLU A 177 30.90 19.50 4.11
CA GLU A 177 31.71 18.30 3.96
C GLU A 177 31.85 17.93 2.49
N GLU A 178 32.97 17.31 2.16
CA GLU A 178 33.22 16.82 0.81
C GLU A 178 32.09 15.86 0.43
N SER A 179 31.63 15.99 -0.82
CA SER A 179 30.45 15.29 -1.29
C SER A 179 30.46 15.21 -2.81
N TYR A 180 30.02 14.07 -3.34
CA TYR A 180 29.75 13.91 -4.76
C TYR A 180 28.38 14.48 -5.12
N PHE A 181 28.30 15.14 -6.27
CA PHE A 181 27.05 15.74 -6.76
C PHE A 181 26.64 15.16 -8.10
N PHE A 182 25.35 14.93 -8.25
CA PHE A 182 24.73 14.44 -9.50
C PHE A 182 24.05 15.64 -10.16
N ASN A 183 24.44 15.93 -11.40
CA ASN A 183 23.86 17.05 -12.15
C ASN A 183 22.53 16.58 -12.74
N ILE A 184 21.47 16.75 -11.97
CA ILE A 184 20.13 16.33 -12.38
C ILE A 184 19.48 17.32 -13.35
N SER A 185 19.89 18.59 -13.31
CA SER A 185 19.24 19.62 -14.14
C SER A 185 19.42 19.39 -15.65
N LYS A 186 20.47 18.69 -16.05
CA LYS A 186 20.68 18.32 -17.47
C LYS A 186 19.46 17.59 -18.06
N TYR A 187 18.78 16.83 -17.21
CA TYR A 187 17.65 16.01 -17.61
C TYR A 187 16.29 16.72 -17.54
N THR A 188 16.26 18.02 -17.22
CA THR A 188 15.01 18.75 -17.00
C THR A 188 14.05 18.65 -18.18
N ASP A 189 14.52 19.00 -19.38
CA ASP A 189 13.66 18.95 -20.58
C ASP A 189 13.15 17.55 -20.89
N ARG A 190 14.01 16.55 -20.73
CA ARG A 190 13.59 15.17 -20.91
C ARG A 190 12.52 14.76 -19.91
N LEU A 191 12.64 15.21 -18.68
CA LEU A 191 11.63 14.90 -17.66
C LEU A 191 10.29 15.54 -17.98
N LEU A 192 10.30 16.82 -18.37
CA LEU A 192 9.06 17.50 -18.73
C LEU A 192 8.39 16.84 -19.95
N GLU A 193 9.20 16.43 -20.91
CA GLU A 193 8.72 15.65 -22.06
C GLU A 193 8.07 14.34 -21.63
N PHE A 194 8.72 13.65 -20.69
CA PHE A 194 8.15 12.43 -20.10
C PHE A 194 6.77 12.68 -19.49
N TYR A 195 6.64 13.74 -18.67
CA TYR A 195 5.34 14.09 -18.10
C TYR A 195 4.27 14.32 -19.18
N ASP A 196 4.66 14.97 -20.27
CA ASP A 196 3.74 15.22 -21.40
C ASP A 196 3.26 13.94 -22.09
N GLN A 197 4.18 13.00 -22.29
CA GLN A 197 3.87 11.70 -22.88
C GLN A 197 3.14 10.75 -21.92
N ASN A 198 3.19 11.02 -20.62
CA ASN A 198 2.63 10.14 -19.59
C ASN A 198 1.77 10.95 -18.62
N PRO A 199 0.58 11.40 -19.07
CA PRO A 199 -0.23 12.36 -18.31
C PRO A 199 -0.75 11.86 -16.95
N ASP A 200 -0.79 10.54 -16.76
CA ASP A 200 -1.26 9.93 -15.53
C ASP A 200 -0.13 9.39 -14.63
N PHE A 201 1.11 9.79 -14.92
CA PHE A 201 2.28 9.41 -14.12
C PHE A 201 2.15 9.96 -12.69
N ILE A 202 1.85 11.25 -12.60
CA ILE A 202 1.53 11.93 -11.34
C ILE A 202 0.07 12.40 -11.37
N GLN A 203 -0.67 12.10 -10.32
CA GLN A 203 -2.06 12.56 -10.17
C GLN A 203 -2.29 13.09 -8.76
N PRO A 204 -3.25 14.00 -8.56
CA PRO A 204 -4.05 14.66 -9.62
C PRO A 204 -3.24 15.76 -10.35
N PRO A 205 -3.84 16.42 -11.37
CA PRO A 205 -3.15 17.50 -12.10
C PRO A 205 -2.52 18.58 -11.23
N SER A 206 -3.18 18.94 -10.13
CA SER A 206 -2.62 19.88 -9.15
C SER A 206 -1.27 19.43 -8.58
N ARG A 207 -1.16 18.14 -8.29
CA ARG A 207 0.12 17.55 -7.81
C ARG A 207 1.22 17.62 -8.85
N LYS A 208 0.90 17.31 -10.11
CA LYS A 208 1.88 17.46 -11.22
C LYS A 208 2.36 18.91 -11.34
N ASN A 209 1.42 19.85 -11.39
CA ASN A 209 1.76 21.29 -11.42
C ASN A 209 2.62 21.71 -10.23
N GLU A 210 2.27 21.17 -9.06
CA GLU A 210 3.03 21.35 -7.83
C GLU A 210 4.51 20.96 -8.00
N MET A 211 4.74 19.76 -8.53
CA MET A 211 6.11 19.28 -8.83
C MET A 211 6.85 20.24 -9.74
N ILE A 212 6.19 20.63 -10.83
CA ILE A 212 6.79 21.45 -11.87
C ILE A 212 7.11 22.86 -11.35
N ASN A 213 6.11 23.51 -10.74
CA ASN A 213 6.24 24.91 -10.31
C ASN A 213 7.15 25.13 -9.10
N ASN A 214 7.01 24.29 -8.07
CA ASN A 214 7.79 24.45 -6.84
C ASN A 214 9.25 24.01 -6.96
N PHE A 215 9.52 22.98 -7.76
CA PHE A 215 10.82 22.31 -7.77
C PHE A 215 11.57 22.35 -9.10
N ILE A 216 10.89 22.04 -10.20
CA ILE A 216 11.54 21.94 -11.50
C ILE A 216 11.77 23.33 -12.12
N LYS A 217 10.71 24.13 -12.13
CA LYS A 217 10.71 25.47 -12.76
C LYS A 217 11.83 26.40 -12.29
N PRO A 218 11.96 26.64 -10.96
CA PRO A 218 13.06 27.51 -10.51
C PRO A 218 14.48 26.96 -10.76
N GLY A 219 14.60 25.67 -11.07
CA GLY A 219 15.87 25.05 -11.44
C GLY A 219 16.23 23.98 -10.44
N LEU A 220 16.54 22.79 -10.93
CA LEU A 220 16.92 21.67 -10.06
C LEU A 220 18.39 21.84 -9.66
N ALA A 221 18.64 22.08 -8.38
CA ALA A 221 20.02 22.16 -7.88
C ALA A 221 20.71 20.80 -7.99
N ASP A 222 22.04 20.82 -8.13
CA ASP A 222 22.81 19.58 -8.11
C ASP A 222 22.50 18.82 -6.84
N LEU A 223 22.45 17.50 -6.96
CA LEU A 223 22.03 16.63 -5.87
C LEU A 223 23.24 16.02 -5.18
N ALA A 224 23.38 16.29 -3.88
CA ALA A 224 24.51 15.78 -3.09
C ALA A 224 24.23 14.31 -2.77
N VAL A 225 24.93 13.43 -3.48
CA VAL A 225 24.60 11.99 -3.49
C VAL A 225 25.56 11.15 -2.65
N SER A 226 26.55 11.78 -2.01
CA SER A 226 27.39 11.10 -1.03
C SER A 226 27.63 11.99 0.19
N ARG A 227 28.16 11.37 1.23
CA ARG A 227 28.59 12.08 2.44
C ARG A 227 29.91 11.48 2.90
N THR A 228 30.70 12.29 3.60
CA THR A 228 31.99 11.87 4.17
C THR A 228 32.02 11.91 5.71
N SER A 229 30.97 12.40 6.33
CA SER A 229 30.96 12.65 7.79
C SER A 229 30.52 11.46 8.66
N PHE A 230 30.08 10.36 8.05
CA PHE A 230 29.71 9.15 8.79
C PHE A 230 30.00 7.90 7.95
N ASN A 231 29.99 6.74 8.60
CA ASN A 231 30.45 5.49 7.98
C ASN A 231 29.38 4.45 7.67
N TRP A 232 28.21 4.56 8.30
CA TRP A 232 27.17 3.54 8.16
C TRP A 232 26.37 3.76 6.86
N GLY A 233 26.89 3.17 5.80
CA GLY A 233 26.24 3.15 4.48
C GLY A 233 27.10 2.44 3.47
N VAL A 234 26.67 2.49 2.21
CA VAL A 234 27.39 1.86 1.12
C VAL A 234 28.56 2.76 0.73
N HIS A 235 29.77 2.23 0.77
CA HIS A 235 30.97 3.02 0.44
C HIS A 235 31.21 3.00 -1.07
N VAL A 236 31.67 4.14 -1.61
CA VAL A 236 31.91 4.28 -3.05
C VAL A 236 33.21 3.52 -3.38
N PRO A 237 33.16 2.51 -4.28
CA PRO A 237 34.38 1.71 -4.51
C PRO A 237 35.62 2.50 -4.90
N SER A 238 35.46 3.51 -5.76
CA SER A 238 36.59 4.32 -6.23
C SER A 238 37.01 5.44 -5.28
N ASN A 239 36.24 5.69 -4.22
CA ASN A 239 36.60 6.69 -3.20
C ASN A 239 35.98 6.28 -1.86
N PRO A 240 36.60 5.28 -1.19
CA PRO A 240 36.14 4.61 0.06
C PRO A 240 35.65 5.49 1.20
N LYS A 241 36.21 6.69 1.33
CA LYS A 241 35.80 7.58 2.41
C LYS A 241 34.42 8.21 2.22
N HIS A 242 33.85 8.04 1.02
CA HIS A 242 32.49 8.49 0.72
C HIS A 242 31.49 7.37 0.92
N VAL A 243 30.37 7.69 1.57
N VAL A 243 30.38 7.68 1.59
CA VAL A 243 29.24 6.80 1.68
CA VAL A 243 29.23 6.78 1.67
C VAL A 243 28.12 7.32 0.79
C VAL A 243 28.12 7.33 0.79
N VAL A 244 27.42 6.42 0.11
CA VAL A 244 26.33 6.83 -0.80
C VAL A 244 25.15 7.25 0.06
N TYR A 245 24.61 8.44 -0.22
CA TYR A 245 23.51 8.98 0.59
C TYR A 245 22.16 8.38 0.15
N VAL A 246 21.09 8.84 0.78
CA VAL A 246 19.75 8.26 0.61
C VAL A 246 19.27 8.17 -0.84
N TRP A 247 19.56 9.18 -1.65
CA TRP A 247 18.90 9.34 -2.95
C TRP A 247 19.12 8.08 -3.81
N ILE A 248 20.37 7.74 -4.06
CA ILE A 248 20.71 6.55 -4.85
C ILE A 248 20.47 5.26 -4.07
N ASP A 249 20.88 5.21 -2.80
CA ASP A 249 20.81 3.99 -2.01
C ASP A 249 19.37 3.50 -1.92
N ALA A 250 18.46 4.36 -1.46
CA ALA A 250 17.09 3.92 -1.25
C ALA A 250 16.34 3.67 -2.55
N LEU A 251 16.46 4.57 -3.53
CA LEU A 251 15.65 4.46 -4.74
C LEU A 251 15.96 3.22 -5.57
N VAL A 252 17.22 2.78 -5.61
CA VAL A 252 17.55 1.60 -6.43
C VAL A 252 17.05 0.27 -5.85
N ASN A 253 16.49 0.25 -4.63
CA ASN A 253 15.86 -0.97 -4.08
C ASN A 253 14.86 -1.60 -5.08
N TYR A 254 14.14 -0.76 -5.81
CA TYR A 254 13.09 -1.22 -6.70
C TYR A 254 13.61 -2.05 -7.87
N ILE A 255 14.88 -1.84 -8.22
CA ILE A 255 15.55 -2.62 -9.28
C ILE A 255 16.56 -3.65 -8.73
N SER A 256 17.22 -3.35 -7.61
CA SER A 256 18.14 -4.32 -7.01
C SER A 256 17.43 -5.59 -6.53
N ALA A 257 16.20 -5.45 -6.01
CA ALA A 257 15.40 -6.60 -5.57
C ALA A 257 15.07 -7.55 -6.73
N LEU A 258 15.06 -7.02 -7.96
CA LEU A 258 14.80 -7.82 -9.17
C LEU A 258 16.05 -8.44 -9.77
N GLY A 259 17.20 -8.29 -9.11
CA GLY A 259 18.43 -8.90 -9.61
C GLY A 259 19.14 -8.09 -10.68
N TYR A 260 18.81 -6.80 -10.80
CA TYR A 260 19.50 -5.89 -11.72
C TYR A 260 21.01 -5.95 -11.44
N LEU A 261 21.80 -6.11 -12.51
CA LEU A 261 23.28 -6.22 -12.43
C LEU A 261 23.83 -7.39 -11.61
N SER A 262 23.02 -8.43 -11.43
CA SER A 262 23.45 -9.64 -10.73
C SER A 262 23.72 -10.72 -11.79
N ASP A 263 24.09 -11.90 -11.32
CA ASP A 263 24.21 -13.08 -12.21
C ASP A 263 22.86 -13.65 -12.70
N ASP A 264 21.73 -13.10 -12.24
CA ASP A 264 20.42 -13.54 -12.69
C ASP A 264 19.48 -12.34 -12.73
N GLU A 265 19.33 -11.76 -13.92
CA GLU A 265 18.45 -10.59 -14.12
C GLU A 265 17.03 -10.95 -14.62
N SER A 266 16.63 -12.22 -14.51
CA SER A 266 15.35 -12.66 -15.08
C SER A 266 14.13 -11.93 -14.49
N LEU A 267 14.13 -11.67 -13.18
CA LEU A 267 13.04 -10.90 -12.59
C LEU A 267 13.02 -9.47 -13.12
N PHE A 268 14.18 -8.85 -13.24
CA PHE A 268 14.30 -7.49 -13.75
C PHE A 268 13.79 -7.40 -15.20
N ASN A 269 14.21 -8.35 -16.02
CA ASN A 269 13.78 -8.42 -17.44
C ASN A 269 12.27 -8.61 -17.61
N LYS A 270 11.63 -9.23 -16.62
CA LYS A 270 10.18 -9.46 -16.65
C LYS A 270 9.36 -8.31 -16.11
N TYR A 271 9.73 -7.83 -14.90
CA TYR A 271 8.87 -6.91 -14.14
C TYR A 271 9.16 -5.44 -14.30
N TRP A 272 10.41 -5.07 -14.57
CA TRP A 272 10.79 -3.66 -14.71
C TRP A 272 10.33 -3.19 -16.11
N PRO A 273 9.65 -2.04 -16.25
CA PRO A 273 9.37 -1.02 -15.22
C PRO A 273 8.15 -1.26 -14.35
N ALA A 274 8.21 -0.74 -13.12
CA ALA A 274 7.12 -0.83 -12.17
C ALA A 274 5.85 -0.20 -12.75
N ASP A 275 4.74 -0.88 -12.51
CA ASP A 275 3.44 -0.35 -12.87
C ASP A 275 3.00 0.71 -11.90
N ILE A 276 3.23 0.46 -10.60
CA ILE A 276 2.89 1.42 -9.55
C ILE A 276 3.93 1.42 -8.45
N HIS A 277 4.45 2.62 -8.15
CA HIS A 277 5.16 2.88 -6.90
C HIS A 277 4.18 3.59 -5.96
N LEU A 278 3.90 2.99 -4.82
CA LEU A 278 2.97 3.57 -3.84
C LEU A 278 3.75 4.25 -2.73
N MET A 279 3.20 5.33 -2.18
CA MET A 279 3.82 6.07 -1.08
C MET A 279 2.84 7.09 -0.52
N ALA A 280 3.19 7.71 0.60
CA ALA A 280 2.50 8.93 1.02
C ALA A 280 3.06 10.16 0.34
N LYS A 281 2.29 11.23 0.43
CA LYS A 281 2.56 12.44 -0.35
C LYS A 281 3.94 13.11 -0.20
N GLU A 282 4.57 12.97 0.96
N GLU A 282 4.57 12.97 0.96
CA GLU A 282 5.81 13.70 1.26
CA GLU A 282 5.82 13.68 1.27
C GLU A 282 7.05 13.23 0.48
C GLU A 282 7.05 13.23 0.48
N ILE A 283 6.99 12.03 -0.12
CA ILE A 283 8.09 11.51 -0.94
C ILE A 283 7.77 11.40 -2.43
N VAL A 284 6.64 11.99 -2.86
CA VAL A 284 6.31 12.05 -4.28
C VAL A 284 7.37 12.77 -5.10
N ARG A 285 7.86 13.88 -4.58
CA ARG A 285 8.87 14.65 -5.30
C ARG A 285 10.10 13.81 -5.62
N PHE A 286 10.52 12.98 -4.68
CA PHE A 286 11.71 12.15 -4.86
C PHE A 286 11.46 11.05 -5.90
N HIS A 287 10.27 10.48 -5.88
CA HIS A 287 9.88 9.46 -6.85
C HIS A 287 9.49 9.95 -8.23
N SER A 288 9.08 11.21 -8.33
CA SER A 288 8.61 11.75 -9.60
C SER A 288 9.62 12.65 -10.30
N ILE A 289 10.68 13.06 -9.60
CA ILE A 289 11.76 13.87 -10.19
C ILE A 289 13.10 13.14 -10.15
N ILE A 290 13.61 12.86 -8.95
CA ILE A 290 14.94 12.25 -8.80
C ILE A 290 14.99 10.87 -9.43
N TRP A 291 13.99 10.04 -9.13
CA TRP A 291 13.98 8.66 -9.59
C TRP A 291 13.93 8.53 -11.12
N PRO A 292 12.99 9.24 -11.79
CA PRO A 292 13.07 9.17 -13.26
C PRO A 292 14.39 9.70 -13.84
N ILE A 293 14.96 10.74 -13.22
CA ILE A 293 16.23 11.28 -13.72
C ILE A 293 17.37 10.27 -13.57
N LEU A 294 17.44 9.63 -12.41
CA LEU A 294 18.41 8.55 -12.18
C LEU A 294 18.26 7.44 -13.23
N LEU A 295 17.03 7.07 -13.53
CA LEU A 295 16.76 6.01 -14.50
C LEU A 295 17.17 6.44 -15.91
N MET A 296 16.94 7.70 -16.25
CA MET A 296 17.42 8.24 -17.53
C MET A 296 18.95 8.16 -17.63
N ALA A 297 19.63 8.52 -16.55
CA ALA A 297 21.09 8.47 -16.53
C ALA A 297 21.64 7.03 -16.67
N LEU A 298 20.83 6.05 -16.26
CA LEU A 298 21.13 4.63 -16.42
C LEU A 298 20.57 3.99 -17.70
N ASP A 299 19.94 4.79 -18.56
CA ASP A 299 19.31 4.34 -19.81
C ASP A 299 18.30 3.20 -19.55
N LEU A 300 17.49 3.39 -18.51
CA LEU A 300 16.47 2.40 -18.11
C LEU A 300 15.07 2.96 -18.30
N PRO A 301 14.08 2.09 -18.58
CA PRO A 301 12.68 2.52 -18.64
C PRO A 301 12.20 3.12 -17.32
N LEU A 302 11.28 4.07 -17.43
CA LEU A 302 10.73 4.77 -16.27
C LEU A 302 9.47 4.06 -15.79
N PRO A 303 9.15 4.21 -14.48
CA PRO A 303 7.92 3.62 -13.98
C PRO A 303 6.68 4.25 -14.60
N LYS A 304 5.59 3.50 -14.62
CA LYS A 304 4.36 3.94 -15.28
C LYS A 304 3.52 4.91 -14.44
N LYS A 305 3.57 4.76 -13.11
CA LYS A 305 2.73 5.54 -12.21
C LYS A 305 3.32 5.65 -10.82
N VAL A 306 3.29 6.87 -10.29
CA VAL A 306 3.51 7.12 -8.88
C VAL A 306 2.13 7.37 -8.27
N PHE A 307 1.77 6.53 -7.30
CA PHE A 307 0.52 6.69 -6.58
C PHE A 307 0.80 7.17 -5.17
N ALA A 308 0.28 8.36 -4.84
CA ALA A 308 0.47 8.94 -3.51
C ALA A 308 -0.85 9.02 -2.77
N HIS A 309 -0.86 8.50 -1.55
CA HIS A 309 -2.00 8.64 -0.66
C HIS A 309 -1.69 9.68 0.41
N GLY A 310 -2.70 9.96 1.23
CA GLY A 310 -2.58 10.92 2.32
C GLY A 310 -2.04 10.34 3.61
N TRP A 311 -2.22 11.11 4.68
CA TRP A 311 -1.70 10.77 5.98
C TRP A 311 -2.80 10.35 6.94
N ILE A 312 -2.51 9.33 7.72
CA ILE A 312 -3.24 9.05 8.93
C ILE A 312 -2.73 10.06 9.95
N LEU A 313 -3.67 10.81 10.52
CA LEU A 313 -3.39 11.83 11.51
C LEU A 313 -3.87 11.38 12.88
N MET A 314 -3.31 12.01 13.90
CA MET A 314 -3.86 11.96 15.25
C MET A 314 -4.26 13.40 15.61
N LYS A 315 -4.65 13.64 16.86
CA LYS A 315 -5.02 14.99 17.29
C LYS A 315 -3.80 15.72 17.89
N ASP A 316 -2.78 15.78 17.04
CA ASP A 316 -1.58 16.62 17.18
C ASP A 316 -0.71 16.51 15.90
N GLY A 317 -1.36 16.23 14.76
CA GLY A 317 -0.68 16.08 13.48
C GLY A 317 -0.46 14.65 13.01
N LYS A 318 0.22 14.58 11.88
CA LYS A 318 0.59 13.35 11.20
C LYS A 318 1.17 12.31 12.15
N MET A 319 0.69 11.08 12.03
CA MET A 319 1.26 9.99 12.82
C MET A 319 2.72 9.78 12.39
N SER A 320 3.61 9.80 13.39
CA SER A 320 5.05 9.77 13.16
C SER A 320 5.72 8.93 14.26
N LYS A 321 6.55 7.97 13.87
CA LYS A 321 7.24 7.10 14.84
C LYS A 321 8.26 7.86 15.71
N SER A 322 8.90 8.87 15.15
CA SER A 322 9.83 9.74 15.89
C SER A 322 9.10 10.66 16.89
N LYS A 323 7.88 11.08 16.55
CA LYS A 323 7.04 11.91 17.45
C LYS A 323 6.40 11.12 18.59
N GLY A 324 6.04 9.87 18.32
CA GLY A 324 5.42 9.00 19.33
C GLY A 324 3.90 9.10 19.47
N ASN A 325 3.25 9.86 18.60
CA ASN A 325 1.76 9.91 18.54
C ASN A 325 1.19 8.72 17.75
N VAL A 326 1.46 7.50 18.20
CA VAL A 326 1.30 6.31 17.35
C VAL A 326 0.24 5.32 17.81
N VAL A 327 -0.32 4.62 16.82
CA VAL A 327 -1.16 3.46 17.03
C VAL A 327 -0.40 2.27 16.45
N ASP A 328 -0.27 1.23 17.25
CA ASP A 328 0.46 0.02 16.89
C ASP A 328 -0.51 -0.97 16.24
N PRO A 329 -0.26 -1.34 14.96
CA PRO A 329 -1.18 -2.30 14.33
C PRO A 329 -1.25 -3.65 15.03
N ASN A 330 -0.17 -4.07 15.69
CA ASN A 330 -0.19 -5.32 16.44
C ASN A 330 -1.27 -5.33 17.51
N ILE A 331 -1.45 -4.19 18.18
CA ILE A 331 -2.44 -4.05 19.24
C ILE A 331 -3.85 -4.18 18.66
N LEU A 332 -4.09 -3.54 17.51
CA LEU A 332 -5.38 -3.62 16.81
C LEU A 332 -5.72 -5.04 16.37
N ILE A 333 -4.73 -5.73 15.80
CA ILE A 333 -4.95 -7.10 15.32
C ILE A 333 -5.23 -8.03 16.50
N ASP A 334 -4.38 -7.96 17.52
CA ASP A 334 -4.55 -8.79 18.73
C ASP A 334 -5.90 -8.60 19.40
N ARG A 335 -6.37 -7.36 19.48
CA ARG A 335 -7.65 -7.07 20.15
C ARG A 335 -8.87 -7.33 19.29
N TYR A 336 -8.85 -6.82 18.04
CA TYR A 336 -10.04 -6.81 17.17
C TYR A 336 -10.02 -7.80 15.99
N GLY A 337 -8.85 -8.38 15.71
CA GLY A 337 -8.67 -9.33 14.62
C GLY A 337 -8.14 -8.69 13.35
N LEU A 338 -7.70 -9.56 12.45
CA LEU A 338 -7.04 -9.15 11.22
C LEU A 338 -7.99 -8.53 10.20
N ASP A 339 -9.11 -9.19 9.94
CA ASP A 339 -10.11 -8.65 9.00
C ASP A 339 -10.54 -7.24 9.42
N ALA A 340 -10.79 -7.03 10.71
CA ALA A 340 -11.22 -5.75 11.21
C ALA A 340 -10.19 -4.66 10.93
N THR A 341 -8.93 -4.98 11.17
CA THR A 341 -7.83 -4.02 10.99
C THR A 341 -7.63 -3.66 9.52
N ARG A 342 -7.59 -4.67 8.66
CA ARG A 342 -7.47 -4.41 7.21
C ARG A 342 -8.69 -3.64 6.66
N TYR A 343 -9.89 -4.07 7.06
CA TYR A 343 -11.14 -3.37 6.68
C TYR A 343 -11.15 -1.89 7.08
N TYR A 344 -10.79 -1.60 8.33
CA TYR A 344 -10.80 -0.21 8.79
C TYR A 344 -9.86 0.65 7.93
N LEU A 345 -8.64 0.15 7.71
CA LEU A 345 -7.63 0.90 6.97
C LEU A 345 -8.10 1.25 5.57
N MET A 346 -8.73 0.31 4.88
CA MET A 346 -9.17 0.52 3.51
C MET A 346 -10.50 1.25 3.38
N ARG A 347 -11.42 1.05 4.32
CA ARG A 347 -12.74 1.66 4.25
C ARG A 347 -12.82 3.09 4.80
N GLU A 348 -12.17 3.33 5.93
CA GLU A 348 -12.36 4.60 6.64
C GLU A 348 -11.51 5.74 6.10
N LEU A 349 -10.44 5.43 5.38
CA LEU A 349 -9.42 6.41 5.01
C LEU A 349 -9.20 6.43 3.50
N PRO A 350 -9.97 7.26 2.77
CA PRO A 350 -9.73 7.40 1.32
C PRO A 350 -8.32 7.94 1.04
N PHE A 351 -7.71 7.48 -0.06
CA PHE A 351 -6.33 7.85 -0.39
C PHE A 351 -6.13 9.31 -0.77
N GLY A 352 -7.20 9.97 -1.22
CA GLY A 352 -7.15 11.38 -1.61
C GLY A 352 -7.28 12.39 -0.49
N SER A 353 -7.37 11.91 0.76
CA SER A 353 -7.55 12.77 1.93
C SER A 353 -6.64 12.34 3.06
N ASP A 354 -6.38 13.28 3.97
CA ASP A 354 -5.80 12.99 5.26
C ASP A 354 -6.96 12.70 6.19
N GLY A 355 -6.80 11.71 7.06
CA GLY A 355 -7.86 11.28 7.97
C GLY A 355 -7.35 11.08 9.38
N VAL A 356 -8.17 11.42 10.37
CA VAL A 356 -7.84 11.23 11.78
C VAL A 356 -8.30 9.85 12.25
N PHE A 357 -7.37 9.07 12.80
CA PHE A 357 -7.70 7.84 13.49
C PHE A 357 -8.37 8.16 14.83
N THR A 358 -9.48 7.48 15.13
CA THR A 358 -10.03 7.43 16.49
C THR A 358 -10.44 5.98 16.81
N PRO A 359 -10.22 5.53 18.07
CA PRO A 359 -10.68 4.18 18.44
C PRO A 359 -12.20 3.97 18.32
N GLU A 360 -12.97 5.04 18.51
CA GLU A 360 -14.43 4.98 18.41
C GLU A 360 -14.88 4.68 16.97
N ALA A 361 -14.23 5.32 16.01
CA ALA A 361 -14.50 5.10 14.59
C ALA A 361 -14.09 3.68 14.14
N PHE A 362 -12.94 3.21 14.63
CA PHE A 362 -12.49 1.83 14.40
C PHE A 362 -13.51 0.79 14.90
N VAL A 363 -13.95 0.95 16.13
CA VAL A 363 -14.90 0.03 16.75
C VAL A 363 -16.25 0.02 16.03
N GLU A 364 -16.77 1.19 15.70
CA GLU A 364 -18.07 1.30 15.03
C GLU A 364 -17.98 0.67 13.64
N ARG A 365 -16.94 1.02 12.91
CA ARG A 365 -16.78 0.57 11.55
C ARG A 365 -16.75 -0.95 11.48
N THR A 366 -15.95 -1.58 12.35
CA THR A 366 -15.78 -3.02 12.33
C THR A 366 -16.93 -3.83 12.98
N ASN A 367 -17.57 -3.29 14.02
CA ASN A 367 -18.76 -3.96 14.59
C ASN A 367 -19.99 -3.85 13.70
N PHE A 368 -20.27 -2.65 13.21
CA PHE A 368 -21.51 -2.42 12.43
C PHE A 368 -21.47 -3.05 11.05
N ASP A 369 -20.35 -2.91 10.35
CA ASP A 369 -20.23 -3.44 8.98
C ASP A 369 -19.87 -4.91 8.94
N LEU A 370 -18.87 -5.33 9.73
CA LEU A 370 -18.40 -6.72 9.67
C LEU A 370 -19.27 -7.65 10.49
N ALA A 371 -19.22 -7.54 11.82
CA ALA A 371 -19.94 -8.48 12.68
C ALA A 371 -21.44 -8.40 12.47
N ASN A 372 -21.97 -7.19 12.42
CA ASN A 372 -23.43 -7.01 12.35
C ASN A 372 -23.97 -7.26 10.95
N ASP A 373 -23.55 -6.45 9.98
CA ASP A 373 -24.16 -6.50 8.64
C ASP A 373 -23.81 -7.80 7.91
N LEU A 374 -22.52 -8.04 7.67
CA LEU A 374 -22.11 -9.24 6.93
C LEU A 374 -22.24 -10.50 7.77
N GLY A 375 -21.77 -10.45 9.02
CA GLY A 375 -21.76 -11.63 9.89
C GLY A 375 -23.15 -12.18 10.16
N ASN A 376 -24.08 -11.31 10.51
CA ASN A 376 -25.47 -11.74 10.71
C ASN A 376 -26.15 -12.20 9.43
N LEU A 377 -25.83 -11.58 8.30
CA LEU A 377 -26.40 -12.03 7.02
C LEU A 377 -26.10 -13.50 6.77
N VAL A 378 -24.84 -13.88 6.98
CA VAL A 378 -24.42 -15.26 6.73
C VAL A 378 -25.07 -16.21 7.74
N ASN A 379 -25.06 -15.84 9.02
CA ASN A 379 -25.62 -16.72 10.03
C ASN A 379 -27.14 -16.87 9.90
N ARG A 380 -27.84 -15.78 9.60
CA ARG A 380 -29.28 -15.84 9.37
C ARG A 380 -29.62 -16.78 8.22
N THR A 381 -28.84 -16.66 7.14
CA THR A 381 -29.08 -17.41 5.91
C THR A 381 -28.87 -18.90 6.13
N ILE A 382 -27.70 -19.25 6.65
CA ILE A 382 -27.37 -20.66 6.95
C ILE A 382 -28.37 -21.27 7.93
N SER A 383 -28.72 -20.51 8.97
CA SER A 383 -29.70 -20.97 9.98
C SER A 383 -31.04 -21.33 9.33
N MET A 384 -31.49 -20.50 8.41
CA MET A 384 -32.74 -20.75 7.68
C MET A 384 -32.65 -21.97 6.75
N VAL A 385 -31.51 -22.17 6.09
CA VAL A 385 -31.30 -23.36 5.25
C VAL A 385 -31.37 -24.63 6.11
N ASN A 386 -30.71 -24.60 7.26
CA ASN A 386 -30.73 -25.72 8.22
C ASN A 386 -32.13 -25.97 8.79
N LYS A 387 -32.86 -24.90 9.11
CA LYS A 387 -34.20 -25.03 9.70
C LYS A 387 -35.25 -25.52 8.70
N TYR A 388 -35.29 -24.93 7.52
CA TYR A 388 -36.32 -25.23 6.51
C TYR A 388 -36.02 -26.40 5.55
N PHE A 389 -34.74 -26.63 5.22
CA PHE A 389 -34.37 -27.69 4.26
C PHE A 389 -33.38 -28.72 4.81
N ASP A 390 -33.21 -28.74 6.14
CA ASP A 390 -32.28 -29.65 6.84
C ASP A 390 -30.84 -29.61 6.27
N GLY A 391 -30.40 -28.42 5.87
CA GLY A 391 -29.04 -28.20 5.37
C GLY A 391 -28.86 -28.26 3.87
N GLU A 392 -29.84 -28.83 3.16
CA GLU A 392 -29.74 -29.00 1.71
C GLU A 392 -30.29 -27.77 0.98
N LEU A 393 -29.38 -26.88 0.60
CA LEU A 393 -29.72 -25.66 -0.14
C LEU A 393 -30.24 -26.02 -1.53
N PRO A 394 -31.50 -25.65 -1.83
CA PRO A 394 -32.02 -25.91 -3.18
C PRO A 394 -31.26 -25.16 -4.27
N ALA A 395 -31.10 -25.82 -5.42
CA ALA A 395 -30.39 -25.27 -6.56
C ALA A 395 -31.07 -24.00 -7.07
N TYR A 396 -30.27 -23.06 -7.54
CA TYR A 396 -30.77 -21.88 -8.24
C TYR A 396 -31.47 -22.33 -9.51
N GLN A 397 -32.60 -21.69 -9.81
CA GLN A 397 -33.39 -21.96 -11.01
C GLN A 397 -33.54 -20.72 -11.90
N GLY A 398 -34.01 -19.63 -11.30
CA GLY A 398 -34.20 -18.37 -12.02
C GLY A 398 -34.72 -17.27 -11.10
N PRO A 399 -35.05 -16.09 -11.65
CA PRO A 399 -35.63 -14.99 -10.86
C PRO A 399 -37.13 -15.18 -10.61
N LEU A 400 -37.45 -16.01 -9.61
CA LEU A 400 -38.84 -16.41 -9.35
C LEU A 400 -39.65 -15.41 -8.54
N HIS A 401 -39.03 -14.80 -7.53
CA HIS A 401 -39.68 -13.77 -6.72
C HIS A 401 -39.74 -12.47 -7.51
N GLU A 402 -40.73 -11.64 -7.19
CA GLU A 402 -40.93 -10.33 -7.85
C GLU A 402 -39.70 -9.42 -7.77
N LEU A 403 -39.04 -9.44 -6.61
CA LEU A 403 -37.86 -8.62 -6.35
C LEU A 403 -36.57 -9.10 -7.05
N ASP A 404 -36.54 -10.38 -7.45
CA ASP A 404 -35.32 -11.03 -7.97
C ASP A 404 -34.70 -10.39 -9.19
N GLU A 405 -35.51 -10.04 -10.19
CA GLU A 405 -35.02 -9.44 -11.44
C GLU A 405 -34.13 -8.22 -11.15
N GLU A 406 -34.69 -7.28 -10.40
CA GLU A 406 -33.98 -6.07 -10.02
C GLU A 406 -32.77 -6.31 -9.09
N MET A 407 -32.85 -7.34 -8.25
CA MET A 407 -31.76 -7.68 -7.32
C MET A 407 -30.59 -8.37 -8.02
N GLU A 408 -30.90 -9.25 -8.96
CA GLU A 408 -29.89 -9.85 -9.82
C GLU A 408 -29.17 -8.80 -10.67
N ALA A 409 -29.91 -7.79 -11.10
CA ALA A 409 -29.36 -6.63 -11.81
C ALA A 409 -28.46 -5.78 -10.90
N MET A 410 -28.88 -5.61 -9.64
CA MET A 410 -28.05 -4.95 -8.62
C MET A 410 -26.73 -5.70 -8.37
N ALA A 411 -26.77 -7.03 -8.34
CA ALA A 411 -25.55 -7.84 -8.18
C ALA A 411 -24.54 -7.56 -9.30
N LEU A 412 -25.00 -7.59 -10.54
CA LEU A 412 -24.12 -7.29 -11.68
C LEU A 412 -23.64 -5.84 -11.70
N GLU A 413 -24.53 -4.90 -11.37
CA GLU A 413 -24.16 -3.49 -11.28
C GLU A 413 -23.15 -3.24 -10.16
N THR A 414 -23.26 -4.01 -9.08
CA THR A 414 -22.34 -3.93 -7.95
C THR A 414 -20.92 -4.30 -8.41
N VAL A 415 -20.82 -5.39 -9.17
CA VAL A 415 -19.54 -5.85 -9.73
C VAL A 415 -18.93 -4.80 -10.67
N LYS A 416 -19.77 -4.22 -11.53
CA LYS A 416 -19.32 -3.21 -12.49
C LYS A 416 -18.79 -1.94 -11.82
N SER A 417 -19.57 -1.41 -10.88
CA SER A 417 -19.19 -0.25 -10.09
C SER A 417 -17.92 -0.49 -9.27
N TYR A 418 -17.88 -1.64 -8.59
CA TYR A 418 -16.71 -2.07 -7.82
C TYR A 418 -15.45 -2.06 -8.68
N THR A 419 -15.57 -2.64 -9.87
CA THR A 419 -14.44 -2.71 -10.80
C THR A 419 -13.94 -1.30 -11.17
N GLU A 420 -14.87 -0.39 -11.47
CA GLU A 420 -14.50 1.01 -11.77
C GLU A 420 -13.74 1.64 -10.60
N SER A 421 -14.24 1.44 -9.39
CA SER A 421 -13.59 1.96 -8.18
C SER A 421 -12.20 1.35 -7.97
N MET A 422 -12.09 0.04 -8.13
CA MET A 422 -10.80 -0.66 -7.97
C MET A 422 -9.80 -0.19 -9.00
N GLU A 423 -10.22 -0.06 -10.25
CA GLU A 423 -9.33 0.42 -11.32
C GLU A 423 -8.81 1.84 -11.07
N SER A 424 -9.60 2.67 -10.41
CA SER A 424 -9.20 4.04 -10.04
C SER A 424 -8.63 4.16 -8.61
N LEU A 425 -8.39 3.02 -7.95
CA LEU A 425 -7.82 2.96 -6.59
C LEU A 425 -8.67 3.67 -5.54
N GLN A 426 -9.98 3.70 -5.77
CA GLN A 426 -10.93 4.26 -4.82
C GLN A 426 -11.50 3.12 -3.97
N PHE A 427 -10.66 2.60 -3.09
CA PHE A 427 -11.00 1.41 -2.33
C PHE A 427 -12.11 1.62 -1.32
N SER A 428 -12.14 2.79 -0.68
CA SER A 428 -13.23 3.12 0.25
C SER A 428 -14.59 3.09 -0.45
N VAL A 429 -14.63 3.56 -1.69
CA VAL A 429 -15.83 3.57 -2.52
C VAL A 429 -16.20 2.15 -2.95
N ALA A 430 -15.22 1.37 -3.39
CA ALA A 430 -15.47 -0.03 -3.75
C ALA A 430 -16.12 -0.77 -2.57
N LEU A 431 -15.58 -0.55 -1.37
CA LEU A 431 -16.08 -1.21 -0.16
C LEU A 431 -17.49 -0.75 0.20
N SER A 432 -17.73 0.56 0.17
CA SER A 432 -19.09 1.07 0.43
C SER A 432 -20.10 0.51 -0.58
N THR A 433 -19.68 0.37 -1.83
CA THR A 433 -20.52 -0.24 -2.88
C THR A 433 -20.85 -1.70 -2.57
N VAL A 434 -19.85 -2.49 -2.16
CA VAL A 434 -20.11 -3.87 -1.73
C VAL A 434 -21.10 -3.89 -0.54
N TRP A 435 -20.92 -2.97 0.40
CA TRP A 435 -21.79 -2.95 1.58
C TRP A 435 -23.24 -2.57 1.27
N LYS A 436 -23.44 -1.71 0.27
CA LYS A 436 -24.80 -1.43 -0.22
C LYS A 436 -25.51 -2.71 -0.63
N PHE A 437 -24.76 -3.62 -1.26
CA PHE A 437 -25.29 -4.90 -1.70
C PHE A 437 -25.52 -5.86 -0.53
N ILE A 438 -24.58 -5.91 0.40
CA ILE A 438 -24.73 -6.70 1.63
C ILE A 438 -25.96 -6.25 2.43
N SER A 439 -26.09 -4.95 2.63
CA SER A 439 -27.24 -4.39 3.36
C SER A 439 -28.55 -4.71 2.67
N ARG A 440 -28.56 -4.62 1.34
CA ARG A 440 -29.76 -4.95 0.57
C ARG A 440 -30.13 -6.43 0.67
N THR A 441 -29.13 -7.29 0.84
CA THR A 441 -29.36 -8.72 0.99
C THR A 441 -30.04 -9.02 2.33
N ASN A 442 -29.59 -8.35 3.39
CA ASN A 442 -30.29 -8.39 4.68
C ASN A 442 -31.74 -7.91 4.53
N LYS A 443 -31.94 -6.81 3.81
CA LYS A 443 -33.28 -6.25 3.55
C LYS A 443 -34.19 -7.22 2.79
N TYR A 444 -33.61 -8.02 1.90
CA TYR A 444 -34.33 -9.06 1.14
C TYR A 444 -34.93 -10.14 2.06
N ILE A 445 -34.21 -10.50 3.13
CA ILE A 445 -34.76 -11.41 4.16
C ILE A 445 -36.06 -10.80 4.72
N ASP A 446 -35.98 -9.54 5.12
CA ASP A 446 -37.11 -8.86 5.75
C ASP A 446 -38.29 -8.67 4.80
N GLU A 447 -37.98 -8.32 3.54
CA GLU A 447 -38.99 -8.15 2.49
C GLU A 447 -39.72 -9.44 2.12
N THR A 448 -38.98 -10.54 2.02
CA THR A 448 -39.54 -11.83 1.58
C THR A 448 -40.16 -12.66 2.71
N THR A 449 -39.80 -12.37 3.96
CA THR A 449 -40.26 -13.12 5.15
C THR A 449 -40.30 -14.65 4.95
N PRO A 450 -39.14 -15.30 4.80
CA PRO A 450 -39.04 -16.76 4.56
C PRO A 450 -39.87 -17.63 5.52
N TRP A 451 -39.89 -17.24 6.79
CA TRP A 451 -40.70 -17.90 7.84
C TRP A 451 -42.19 -18.03 7.49
N VAL A 452 -42.76 -17.02 6.83
CA VAL A 452 -44.14 -17.08 6.34
C VAL A 452 -44.30 -18.10 5.22
N LEU A 453 -43.34 -18.11 4.29
CA LEU A 453 -43.33 -19.05 3.17
C LEU A 453 -43.14 -20.50 3.61
N ALA A 454 -42.45 -20.70 4.74
CA ALA A 454 -42.22 -22.02 5.32
C ALA A 454 -43.46 -22.66 5.99
N LYS A 455 -44.55 -21.90 6.12
CA LYS A 455 -45.79 -22.38 6.76
C LYS A 455 -46.55 -23.42 5.95
N ASP A 456 -46.58 -23.24 4.64
CA ASP A 456 -47.35 -24.12 3.74
C ASP A 456 -46.46 -24.73 2.65
N ASP A 457 -46.70 -26.01 2.36
CA ASP A 457 -45.94 -26.77 1.34
C ASP A 457 -46.14 -26.27 -0.09
N SER A 458 -47.18 -25.45 -0.32
CA SER A 458 -47.41 -24.80 -1.61
C SER A 458 -46.30 -23.79 -2.00
N GLN A 459 -45.57 -23.28 -1.01
CA GLN A 459 -44.53 -22.27 -1.20
C GLN A 459 -43.09 -22.79 -0.98
N LYS A 460 -42.91 -24.10 -0.95
CA LYS A 460 -41.58 -24.69 -0.72
C LYS A 460 -40.60 -24.36 -1.87
N ASP A 461 -41.14 -24.27 -3.07
CA ASP A 461 -40.38 -23.92 -4.26
C ASP A 461 -39.86 -22.49 -4.20
N MET A 462 -40.77 -21.55 -3.89
CA MET A 462 -40.43 -20.14 -3.71
C MET A 462 -39.48 -19.90 -2.54
N LEU A 463 -39.65 -20.66 -1.47
CA LEU A 463 -38.75 -20.57 -0.30
C LEU A 463 -37.34 -20.96 -0.70
N GLY A 464 -37.22 -22.06 -1.45
CA GLY A 464 -35.95 -22.52 -2.01
C GLY A 464 -35.25 -21.47 -2.87
N ASN A 465 -36.04 -20.75 -3.66
CA ASN A 465 -35.56 -19.65 -4.48
C ASN A 465 -35.00 -18.47 -3.66
N VAL A 466 -35.70 -18.13 -2.58
CA VAL A 466 -35.25 -17.07 -1.67
C VAL A 466 -33.91 -17.45 -1.04
N MET A 467 -33.81 -18.67 -0.53
CA MET A 467 -32.55 -19.20 0.03
C MET A 467 -31.43 -19.18 -1.02
N ALA A 468 -31.75 -19.59 -2.24
CA ALA A 468 -30.77 -19.58 -3.34
C ALA A 468 -30.24 -18.18 -3.63
N HIS A 469 -31.14 -17.20 -3.60
CA HIS A 469 -30.74 -15.81 -3.84
C HIS A 469 -29.90 -15.21 -2.73
N LEU A 470 -30.20 -15.57 -1.48
CA LEU A 470 -29.41 -15.11 -0.35
C LEU A 470 -27.97 -15.63 -0.45
N VAL A 471 -27.84 -16.93 -0.71
CA VAL A 471 -26.53 -17.57 -0.84
C VAL A 471 -25.75 -17.02 -2.02
N GLU A 472 -26.40 -16.85 -3.18
CA GLU A 472 -25.70 -16.32 -4.36
C GLU A 472 -25.25 -14.87 -4.15
N ASN A 473 -26.10 -14.05 -3.53
CA ASN A 473 -25.69 -12.70 -3.09
C ASN A 473 -24.47 -12.72 -2.17
N ILE A 474 -24.49 -13.61 -1.17
CA ILE A 474 -23.37 -13.76 -0.22
C ILE A 474 -22.09 -14.13 -0.98
N ARG A 475 -22.23 -15.07 -1.91
CA ARG A 475 -21.10 -15.51 -2.73
C ARG A 475 -20.46 -14.34 -3.48
N TYR A 476 -21.28 -13.50 -4.10
CA TYR A 476 -20.80 -12.30 -4.79
C TYR A 476 -20.00 -11.42 -3.84
N ALA A 477 -20.57 -11.10 -2.69
CA ALA A 477 -19.87 -10.29 -1.68
C ALA A 477 -18.54 -10.92 -1.29
N ALA A 478 -18.53 -12.22 -1.06
CA ALA A 478 -17.33 -12.91 -0.62
C ALA A 478 -16.22 -12.84 -1.66
N VAL A 479 -16.57 -13.03 -2.93
CA VAL A 479 -15.58 -12.94 -4.01
C VAL A 479 -15.00 -11.53 -4.09
N LEU A 480 -15.87 -10.53 -4.05
CA LEU A 480 -15.45 -9.12 -4.15
C LEU A 480 -14.57 -8.69 -2.98
N LEU A 481 -14.75 -9.34 -1.83
CA LEU A 481 -13.94 -9.03 -0.64
C LEU A 481 -12.59 -9.76 -0.58
N ARG A 482 -12.35 -10.72 -1.47
CA ARG A 482 -11.08 -11.48 -1.44
C ARG A 482 -9.79 -10.64 -1.53
N PRO A 483 -9.79 -9.51 -2.27
CA PRO A 483 -8.57 -8.66 -2.21
C PRO A 483 -8.36 -7.95 -0.86
N PHE A 484 -9.45 -7.72 -0.11
CA PHE A 484 -9.42 -6.94 1.12
C PHE A 484 -9.26 -7.77 2.39
N LEU A 485 -10.09 -8.80 2.51
CA LEU A 485 -10.19 -9.61 3.73
C LEU A 485 -9.67 -11.00 3.45
N THR A 486 -8.71 -11.46 4.27
CA THR A 486 -8.04 -12.74 4.05
C THR A 486 -8.66 -13.91 4.82
N HIS A 487 -9.47 -13.63 5.84
CA HIS A 487 -10.12 -14.70 6.60
C HIS A 487 -11.58 -14.91 6.22
N ALA A 488 -12.37 -13.84 6.24
CA ALA A 488 -13.84 -13.96 6.07
C ALA A 488 -14.31 -14.67 4.78
N PRO A 489 -13.74 -14.31 3.61
CA PRO A 489 -14.25 -14.97 2.40
C PRO A 489 -14.08 -16.49 2.43
N LYS A 490 -12.88 -16.94 2.82
CA LYS A 490 -12.58 -18.37 2.95
C LYS A 490 -13.56 -19.05 3.92
N GLU A 491 -13.74 -18.45 5.08
CA GLU A 491 -14.68 -18.93 6.08
C GLU A 491 -16.10 -18.99 5.53
N ILE A 492 -16.52 -17.96 4.78
CA ILE A 492 -17.86 -17.93 4.18
C ILE A 492 -18.05 -19.08 3.19
N PHE A 493 -17.07 -19.29 2.32
CA PHE A 493 -17.13 -20.40 1.36
C PHE A 493 -17.18 -21.76 2.07
N GLU A 494 -16.40 -21.92 3.14
CA GLU A 494 -16.36 -23.17 3.91
C GLU A 494 -17.70 -23.50 4.57
N GLN A 495 -18.35 -22.50 5.17
CA GLN A 495 -19.66 -22.71 5.83
C GLN A 495 -20.80 -22.96 4.85
N LEU A 496 -20.77 -22.30 3.70
CA LEU A 496 -21.71 -22.57 2.61
C LEU A 496 -21.38 -23.84 1.81
N ASN A 497 -20.20 -24.41 2.05
CA ASN A 497 -19.72 -25.63 1.41
C ASN A 497 -19.67 -25.46 -0.12
N ILE A 498 -19.16 -24.30 -0.54
CA ILE A 498 -18.82 -24.03 -1.93
C ILE A 498 -17.34 -24.40 -2.07
N ASN A 499 -17.11 -25.56 -2.66
CA ASN A 499 -15.76 -26.16 -2.77
C ASN A 499 -15.07 -25.94 -4.12
N ASN A 500 -15.86 -25.72 -5.17
CA ASN A 500 -15.33 -25.44 -6.51
C ASN A 500 -14.50 -24.14 -6.50
N PRO A 501 -13.16 -24.24 -6.66
CA PRO A 501 -12.32 -23.01 -6.64
C PRO A 501 -12.73 -21.93 -7.66
N GLN A 502 -13.30 -22.38 -8.79
CA GLN A 502 -13.81 -21.48 -9.82
C GLN A 502 -14.91 -20.53 -9.35
N PHE A 503 -15.74 -20.98 -8.42
CA PHE A 503 -16.81 -20.15 -7.86
C PHE A 503 -16.33 -19.12 -6.83
N MET A 504 -15.01 -19.02 -6.65
CA MET A 504 -14.39 -17.98 -5.79
C MET A 504 -13.69 -16.89 -6.61
N GLU A 505 -13.76 -16.98 -7.95
CA GLU A 505 -13.07 -16.07 -8.87
C GLU A 505 -14.02 -15.06 -9.53
N PHE A 506 -13.45 -13.95 -10.01
CA PHE A 506 -14.25 -12.86 -10.61
C PHE A 506 -15.04 -13.30 -11.84
N SER A 507 -14.46 -14.19 -12.64
CA SER A 507 -15.14 -14.72 -13.84
C SER A 507 -16.47 -15.42 -13.50
N SER A 508 -16.59 -16.00 -12.31
CA SER A 508 -17.84 -16.63 -11.86
C SER A 508 -18.97 -15.65 -11.48
N LEU A 509 -18.70 -14.34 -11.49
CA LEU A 509 -19.71 -13.30 -11.28
C LEU A 509 -20.34 -12.75 -12.57
N GLU A 510 -19.94 -13.25 -13.73
CA GLU A 510 -20.44 -12.77 -15.02
C GLU A 510 -21.95 -12.98 -15.18
N GLN A 511 -22.42 -14.14 -14.75
CA GLN A 511 -23.85 -14.49 -14.83
C GLN A 511 -24.34 -15.02 -13.48
N TYR A 512 -25.36 -14.34 -12.94
CA TYR A 512 -25.92 -14.68 -11.64
C TYR A 512 -26.56 -16.07 -11.65
N GLY A 513 -26.24 -16.85 -10.64
CA GLY A 513 -26.91 -18.13 -10.36
C GLY A 513 -26.13 -19.37 -10.75
N VAL A 514 -24.86 -19.42 -10.36
CA VAL A 514 -23.97 -20.53 -10.69
C VAL A 514 -24.26 -21.85 -9.96
N LEU A 515 -24.89 -21.76 -8.78
CA LEU A 515 -25.16 -22.95 -7.97
C LEU A 515 -26.44 -23.64 -8.44
N ASN A 516 -26.30 -24.41 -9.51
CA ASN A 516 -27.45 -25.07 -10.14
C ASN A 516 -27.62 -26.54 -9.72
N GLU A 517 -26.79 -27.00 -8.80
CA GLU A 517 -27.00 -28.24 -8.06
C GLU A 517 -27.22 -27.91 -6.58
N SER A 518 -27.86 -28.82 -5.86
CA SER A 518 -28.04 -28.67 -4.41
C SER A 518 -26.73 -28.87 -3.68
N ILE A 519 -26.57 -28.17 -2.56
CA ILE A 519 -25.38 -28.33 -1.71
C ILE A 519 -25.76 -28.41 -0.23
N MET A 520 -24.99 -29.19 0.51
CA MET A 520 -25.18 -29.33 1.94
C MET A 520 -24.33 -28.28 2.65
N VAL A 521 -24.99 -27.25 3.16
CA VAL A 521 -24.30 -26.22 3.97
C VAL A 521 -23.90 -26.81 5.31
N THR A 522 -23.06 -26.10 6.06
CA THR A 522 -22.65 -26.57 7.39
C THR A 522 -23.85 -26.72 8.32
N GLY A 523 -23.79 -27.74 9.17
CA GLY A 523 -24.80 -27.97 10.21
C GLY A 523 -24.47 -27.23 11.51
N GLN A 524 -23.23 -26.78 11.65
CA GLN A 524 -22.76 -26.07 12.84
C GLN A 524 -22.16 -24.73 12.43
N PRO A 525 -23.02 -23.77 12.02
CA PRO A 525 -22.48 -22.45 11.67
C PRO A 525 -21.88 -21.76 12.88
N LYS A 526 -20.89 -20.91 12.62
CA LYS A 526 -20.23 -20.16 13.67
C LYS A 526 -19.92 -18.74 13.16
N PRO A 527 -19.61 -17.81 14.08
CA PRO A 527 -19.42 -16.43 13.62
C PRO A 527 -18.26 -16.25 12.63
N ILE A 528 -18.53 -15.51 11.56
CA ILE A 528 -17.52 -15.18 10.55
C ILE A 528 -16.43 -14.28 11.15
N PHE A 529 -16.83 -13.40 12.06
CA PHE A 529 -15.92 -12.46 12.71
C PHE A 529 -15.88 -12.70 14.23
N PRO A 530 -14.79 -12.38 14.93
CA PRO A 530 -13.60 -11.69 14.38
C PRO A 530 -12.60 -12.62 13.70
PG ATP B . 11.13 7.11 5.46
PG ATP B . 9.63 9.53 11.15
O1G ATP B . 10.49 7.95 4.37
O1G ATP B . 10.95 8.81 11.32
O2G ATP B . 12.44 7.67 5.96
O2G ATP B . 9.75 10.86 10.44
O3G ATP B . 11.13 5.64 5.17
O3G ATP B . 8.81 9.52 12.40
PB ATP B . 9.11 5.98 6.94
PB ATP B . 7.22 8.72 9.91
O1B ATP B . 8.26 5.78 5.70
O1B ATP B . 6.51 7.60 10.62
O2B ATP B . 9.89 4.81 7.48
O2B ATP B . 6.81 10.13 10.23
O3B ATP B . 10.13 7.20 6.70
O3B ATP B . 8.81 8.57 10.14
PA ATP B . 7.28 7.90 7.75
PA ATP B . 8.10 7.62 7.40
O1A ATP B . 8.24 9.03 7.42
O1A ATP B . 8.38 6.33 8.11
O2A ATP B . 6.26 8.08 8.84
O2A ATP B . 9.23 8.48 6.87
O3A ATP B . 8.14 6.58 8.08
O3A ATP B . 7.11 8.55 8.30
O5' ATP B . 6.51 7.49 6.39
O5' ATP B . 7.12 7.32 6.15
C5' ATP B . 7.23 7.03 5.25
C5' ATP B . 7.51 6.52 5.04
C4' ATP B . 6.32 6.17 4.39
C4' ATP B . 6.30 5.88 4.38
O4' ATP B . 5.61 5.23 5.22
O4' ATP B . 5.51 5.14 5.33
C3' ATP B . 5.25 6.99 3.66
C3' ATP B . 5.32 6.88 3.76
O3' ATP B . 5.60 7.29 2.31
O3' ATP B . 5.67 7.34 2.46
C2' ATP B . 4.03 6.12 3.75
C2' ATP B . 4.05 6.08 3.77
O2' ATP B . 4.02 5.19 2.66
O2' ATP B . 4.08 5.10 2.73
C1' ATP B . 4.20 5.39 5.06
C1' ATP B . 4.12 5.37 5.12
N9 ATP B . 3.70 6.23 6.18
N9 ATP B . 3.58 6.21 6.23
C8 ATP B . 4.44 6.59 7.24
C8 ATP B . 4.26 6.57 7.34
N7 ATP B . 3.70 7.35 8.09
N7 ATP B . 3.51 7.33 8.16
C5 ATP B . 2.48 7.48 7.56
C5 ATP B . 2.31 7.47 7.59
C6 ATP B . 1.22 8.16 7.95
C6 ATP B . 1.05 8.16 7.94
N6 ATP B . 1.13 8.86 9.11
N6 ATP B . 0.94 8.85 9.09
N1 ATP B . 0.17 8.03 7.12
N1 ATP B . 0.02 8.06 7.07
C2 ATP B . 0.24 7.34 5.97
C2 ATP B . 0.12 7.37 5.90
N3 ATP B . 1.35 6.70 5.57
N3 ATP B . 1.25 6.73 5.54
C4 ATP B . 2.48 6.73 6.30
C4 ATP B . 2.36 6.74 6.31
CL2 XC9 C . 23.68 6.98 3.91
C10 XC9 C . 17.05 13.02 3.38
C11 XC9 C . 16.66 11.87 4.32
C12 XC9 C . 17.48 11.65 5.59
N6 XC9 C . 16.67 10.88 6.52
C13 XC9 C . 16.38 9.58 6.38
N7 XC9 C . 15.50 9.04 7.15
N8 XC9 C . 17.11 8.82 5.49
C14 XC9 C . 16.83 7.54 5.06
N9 XC9 C . 15.61 7.14 5.09
N10 XC9 C . 17.80 6.81 4.41
C15 XC9 C . 19.20 6.94 4.28
C16 XC9 C . 19.96 7.85 5.01
C17 XC9 C . 21.34 7.86 4.89
C18 XC9 C . 21.95 6.97 4.04
C19 XC9 C . 21.22 6.06 3.31
C20 XC9 C . 19.84 6.05 3.43
C1 XC9 C . 16.26 14.34 3.49
C2 XC9 C . 14.79 14.23 3.87
C3 XC9 C . 13.75 14.60 2.81
N1 XC9 C . 12.42 14.50 3.39
C4 XC9 C . 11.87 13.37 3.85
N2 XC9 C . 12.42 12.15 3.50
C5 XC9 C . 12.15 10.91 4.02
N3 XC9 C . 12.65 9.80 3.39
C6 XC9 C . 13.18 9.62 2.09
C7 XC9 C . 12.62 8.58 1.36
C8 XC9 C . 13.02 8.34 0.07
C9 XC9 C . 13.98 9.14 -0.51
C21 XC9 C . 14.54 10.17 0.19
C22 XC9 C . 14.15 10.42 1.49
CL1 XC9 C . 14.62 8.70 -2.07
N4 XC9 C . 10.78 13.45 4.53
N5 XC9 C . 11.51 10.80 5.13
C1 EDO D . 12.40 4.20 -1.58
O1 EDO D . 11.41 3.20 -1.34
C2 EDO D . 12.42 5.05 -0.32
O2 EDO D . 11.19 5.81 -0.21
C1 EDO E . 25.94 22.71 -2.06
O1 EDO E . 25.46 21.73 -1.15
C2 EDO E . 24.93 23.85 -2.15
O2 EDO E . 24.74 24.46 -0.87
C1 EDO F . 7.05 -3.35 13.57
O1 EDO F . 8.04 -2.34 13.71
C2 EDO F . 6.79 -4.08 14.86
O2 EDO F . 6.53 -3.16 15.94
C1 EDO G . -3.73 -10.34 -17.48
O1 EDO G . -2.84 -11.17 -18.23
C2 EDO G . -4.40 -9.33 -18.41
O2 EDO G . -5.50 -9.91 -19.12
#